data_7U3O
#
_entry.id   7U3O
#
_cell.length_a   67.409
_cell.length_b   68.154
_cell.length_c   68.771
_cell.angle_alpha   101.471
_cell.angle_beta   99.060
_cell.angle_gamma   97.845
#
_symmetry.space_group_name_H-M   'P 1'
#
loop_
_entity.id
_entity.type
_entity.pdbx_description
1 polymer "DNA (5'-D(*GP*AP*GP*CP*GP*AP*CP*CP*TP*GP*TP*AP*CP*GP*GP*AP*CP*AP*TP*CP*A)-3')"
2 polymer "DNA (5'-D(*TP*GP*TP*CP*TP*TP*GP*TP*GP*GP*TP*CP*GP*CP*)-3')"
3 polymer "DNA (5'-D(*TP*CP*TP*GP*AP*TP*GP*TP*GP*GP*TP*AP*GP*G)-3')"
4 polymer "DNA (5'-D(*AP*AP*CP*CP*TP*AP*CP*CP*TP*GP*GP*CP*AP*GP*GP*AP*CP*GP*AP*CP*T)-3')"
5 polymer "DNA (5'-D(*TP*TP*AP*GP*TP*CP*GP*TP*GP*GP*CP*TP*CP*G)-3')"
6 polymer "DNA (5'-D(*CP*AP*CP*GP*AP*GP*CP*CP*TP*GP*AP*TP*CP*GP*GP*AP*CP*AP*AP*GP*A)-3')"
7 polymer "DNA (5'-D(P*AP*CP*AP*CP*CP*GP*AP*TP*CP*AP*CP*CP*TP*GP*CP*CP*AP*CP*CP*GP*T)-3')"
#
loop_
_entity_poly.entity_id
_entity_poly.type
_entity_poly.pdbx_seq_one_letter_code
_entity_poly.pdbx_strand_id
1 'polydeoxyribonucleotide'
;(DG)(DA)(DG)(DC)(DG)(DA)(DC)(DC)(DT)(DG)(DT)(DA)(DC)(DG)(DG)(DA)(DC)(DA)(DT)(DC)
(DA)
;
A
2 'polydeoxyribonucleotide' (DT)(DG)(DT)(DC)(DT)(DT)(DG)(DT)(DG)(DG)(DT)(DC)(DG)(DC) E
3 'polydeoxyribonucleotide' (DT)(DC)(DT)(DG)(DA)(DT)(DG)(DT)(DG)(DG)(DT)(DA)(DG)(DG) D
4 'polydeoxyribonucleotide'
;(DA)(DA)(DC)(DC)(DT)(DA)(DC)(DC)(DT)(DG)(DG)(DC)(DA)(DG)(DG)(DA)(DC)(DG)(DA)(DC)
(DT)
;
B
5 'polydeoxyribonucleotide' (DT)(DT)(DA)(DG)(DT)(DC)(DG)(DT)(DG)(DG)(DC)(DT)(DC)(DG) F
6 'polydeoxyribonucleotide'
;(DC)(DA)(DC)(DG)(DA)(DG)(DC)(DC)(DT)(DG)(DA)(DT)(DC)(DG)(DG)(DA)(DC)(DA)(DA)(DG)
(DA)
;
C
7 'polydeoxyribonucleotide'
;(DA)(DC)(DA)(DC)(DC)(DG)(DA)(DT)(DC)(DA)(DC)(DC)(DT)(DG)(DC)(DC)(DA)(DC)(DC)(DG)
(DT)
;
M
#